data_7CK5
#
_entry.id   7CK5
#
_entity_poly.entity_id   1
_entity_poly.type   'polypeptide(L)'
_entity_poly.pdbx_seq_one_letter_code
;FEDILSGNLLQRMLRPLRSGLTQLLDFF
;
_entity_poly.pdbx_strand_id   A
#
# COMPACT_ATOMS: atom_id res chain seq x y z
N PHE A 1 0.61 12.71 -14.52
CA PHE A 1 0.77 11.73 -13.43
C PHE A 1 1.44 10.44 -13.94
N GLU A 2 1.97 9.61 -13.02
CA GLU A 2 2.71 8.37 -13.33
C GLU A 2 1.80 7.17 -13.67
N ASP A 3 0.93 7.34 -14.66
CA ASP A 3 -0.06 6.37 -15.16
C ASP A 3 -1.06 5.88 -14.09
N ILE A 4 -1.26 6.67 -13.02
CA ILE A 4 -2.03 6.28 -11.84
C ILE A 4 -3.54 6.14 -12.11
N LEU A 5 -4.04 6.72 -13.21
CA LEU A 5 -5.46 6.73 -13.60
C LEU A 5 -6.02 5.33 -13.88
N SER A 6 -5.19 4.42 -14.38
CA SER A 6 -5.54 3.01 -14.61
C SER A 6 -5.59 2.18 -13.31
N GLY A 7 -5.18 2.78 -12.19
CA GLY A 7 -5.02 2.10 -10.89
C GLY A 7 -3.64 1.49 -10.66
N ASN A 8 -2.62 1.87 -11.43
CA ASN A 8 -1.27 1.30 -11.32
C ASN A 8 -0.64 1.53 -9.94
N LEU A 9 -0.75 2.76 -9.39
CA LEU A 9 -0.24 3.09 -8.07
C LEU A 9 -0.84 2.23 -6.96
N LEU A 10 -2.13 1.88 -7.06
CA LEU A 10 -2.77 0.93 -6.14
C LEU A 10 -2.11 -0.45 -6.20
N GLN A 11 -1.82 -0.95 -7.41
CA GLN A 11 -1.12 -2.23 -7.61
C GLN A 11 0.30 -2.23 -7.02
N ARG A 12 1.01 -1.09 -7.00
CA ARG A 12 2.26 -0.96 -6.23
C ARG A 12 1.99 -1.00 -4.73
N MET A 13 1.00 -0.23 -4.26
CA MET A 13 0.64 -0.07 -2.84
C MET A 13 0.12 -1.34 -2.15
N LEU A 14 -0.39 -2.33 -2.88
CA LEU A 14 -0.88 -3.59 -2.29
C LEU A 14 0.17 -4.31 -1.42
N ARG A 15 1.46 -4.09 -1.69
CA ARG A 15 2.59 -4.57 -0.88
C ARG A 15 2.83 -3.70 0.36
N PRO A 16 3.29 -2.44 0.21
CA PRO A 16 3.76 -1.63 1.33
C PRO A 16 2.65 -1.21 2.28
N LEU A 17 1.42 -0.98 1.79
CA LEU A 17 0.33 -0.54 2.65
C LEU A 17 -0.12 -1.69 3.57
N ARG A 18 -0.21 -2.92 3.04
CA ARG A 18 -0.54 -4.15 3.79
C ARG A 18 0.50 -4.45 4.87
N SER A 19 1.72 -4.00 4.65
CA SER A 19 2.88 -4.19 5.50
C SER A 19 3.13 -3.06 6.49
N GLY A 20 2.25 -2.04 6.54
CA GLY A 20 2.24 -1.02 7.59
C GLY A 20 1.15 -1.27 8.62
N LEU A 21 -0.09 -1.45 8.17
CA LEU A 21 -1.25 -1.65 9.06
C LEU A 21 -1.07 -2.84 10.02
N THR A 22 -0.47 -3.92 9.53
CA THR A 22 -0.17 -5.14 10.27
C THR A 22 0.94 -4.95 11.29
N GLN A 23 1.89 -4.06 10.99
CA GLN A 23 3.04 -3.81 11.86
C GLN A 23 2.64 -2.95 13.07
N LEU A 24 1.69 -2.03 12.87
CA LEU A 24 1.06 -1.27 13.96
C LEU A 24 0.14 -2.17 14.80
N LEU A 25 -0.81 -2.87 14.17
CA LEU A 25 -1.78 -3.76 14.85
C LEU A 25 -1.13 -4.97 15.55
N ASP A 26 0.16 -5.23 15.30
CA ASP A 26 0.97 -6.20 16.05
C ASP A 26 1.18 -5.82 17.53
N PHE A 27 1.10 -4.52 17.88
CA PHE A 27 1.27 -4.01 19.26
C PHE A 27 0.20 -3.01 19.73
N PHE A 28 -0.46 -2.29 18.81
CA PHE A 28 -1.59 -1.39 19.07
C PHE A 28 -2.83 -2.14 19.62
N PHE A 1 2.65 11.59 -14.31
CA PHE A 1 3.50 10.63 -13.55
C PHE A 1 3.36 9.21 -14.14
N GLU A 2 3.68 8.15 -13.39
CA GLU A 2 3.81 6.75 -13.86
C GLU A 2 2.48 6.02 -14.15
N ASP A 3 1.64 6.58 -15.03
CA ASP A 3 0.35 6.03 -15.47
C ASP A 3 -0.61 5.71 -14.31
N ILE A 4 -0.48 6.46 -13.21
CA ILE A 4 -1.19 6.21 -11.94
C ILE A 4 -2.72 6.36 -12.05
N LEU A 5 -3.20 7.10 -13.06
CA LEU A 5 -4.61 7.29 -13.40
C LEU A 5 -5.31 5.97 -13.73
N SER A 6 -4.58 5.05 -14.37
CA SER A 6 -5.03 3.71 -14.77
C SER A 6 -5.05 2.69 -13.63
N GLY A 7 -4.63 3.10 -12.43
CA GLY A 7 -4.59 2.28 -11.21
C GLY A 7 -3.25 1.59 -10.93
N ASN A 8 -2.17 1.97 -11.63
CA ASN A 8 -0.84 1.37 -11.44
C ASN A 8 -0.31 1.59 -10.02
N LEU A 9 -0.49 2.78 -9.45
CA LEU A 9 -0.05 3.11 -8.09
C LEU A 9 -0.70 2.22 -7.03
N LEU A 10 -1.97 1.81 -7.23
CA LEU A 10 -2.63 0.84 -6.35
C LEU A 10 -1.93 -0.51 -6.38
N GLN A 11 -1.52 -0.99 -7.55
CA GLN A 11 -0.77 -2.25 -7.71
C GLN A 11 0.60 -2.21 -7.03
N ARG A 12 1.25 -1.03 -6.93
CA ARG A 12 2.44 -0.85 -6.07
C ARG A 12 2.05 -0.91 -4.59
N MET A 13 1.02 -0.16 -4.19
CA MET A 13 0.54 -0.03 -2.81
C MET A 13 0.04 -1.32 -2.16
N LEU A 14 -0.37 -2.33 -2.93
CA LEU A 14 -0.83 -3.63 -2.38
C LEU A 14 0.20 -4.30 -1.44
N ARG A 15 1.49 -3.99 -1.62
CA ARG A 15 2.58 -4.42 -0.72
C ARG A 15 2.66 -3.56 0.55
N PRO A 16 3.06 -2.27 0.45
CA PRO A 16 3.37 -1.45 1.61
C PRO A 16 2.15 -1.12 2.46
N LEU A 17 0.96 -0.96 1.86
CA LEU A 17 -0.23 -0.60 2.62
C LEU A 17 -0.68 -1.78 3.51
N ARG A 18 -0.59 -3.01 2.98
CA ARG A 18 -0.85 -4.27 3.72
C ARG A 18 0.18 -4.50 4.83
N SER A 19 1.44 -4.14 4.59
CA SER A 19 2.49 -4.29 5.59
C SER A 19 2.30 -3.28 6.73
N GLY A 20 1.84 -2.07 6.43
CA GLY A 20 1.73 -1.01 7.43
C GLY A 20 0.64 -1.26 8.46
N LEU A 21 -0.54 -1.65 8.01
CA LEU A 21 -1.68 -1.93 8.89
C LEU A 21 -1.42 -3.05 9.90
N THR A 22 -0.64 -4.06 9.53
CA THR A 22 -0.33 -5.20 10.42
C THR A 22 0.87 -4.89 11.31
N GLN A 23 1.79 -4.03 10.86
CA GLN A 23 3.04 -3.76 11.58
C GLN A 23 2.78 -2.97 12.87
N LEU A 24 1.85 -2.02 12.82
CA LEU A 24 1.39 -1.28 13.99
C LEU A 24 0.52 -2.15 14.91
N LEU A 25 -0.52 -2.80 14.36
CA LEU A 25 -1.47 -3.63 15.12
C LEU A 25 -0.82 -4.86 15.80
N ASP A 26 0.41 -5.21 15.44
CA ASP A 26 1.23 -6.21 16.13
C ASP A 26 1.60 -5.81 17.59
N PHE A 27 1.62 -4.50 17.91
CA PHE A 27 1.97 -3.98 19.25
C PHE A 27 1.03 -2.89 19.79
N PHE A 28 0.31 -2.17 18.92
CA PHE A 28 -0.75 -1.20 19.27
C PHE A 28 -1.97 -1.87 19.95
N PHE A 1 6.42 7.10 -10.71
CA PHE A 1 5.16 6.31 -10.59
C PHE A 1 4.48 6.13 -11.94
N GLU A 2 3.93 7.21 -12.52
CA GLU A 2 3.10 7.22 -13.75
C GLU A 2 1.76 6.44 -13.67
N ASP A 3 0.79 6.92 -14.44
CA ASP A 3 -0.56 6.34 -14.65
C ASP A 3 -1.40 6.19 -13.36
N ILE A 4 -1.09 6.97 -12.33
CA ILE A 4 -1.65 6.85 -10.97
C ILE A 4 -3.15 7.18 -10.89
N LEU A 5 -3.66 8.00 -11.81
CA LEU A 5 -5.07 8.42 -11.89
C LEU A 5 -6.01 7.24 -12.14
N SER A 6 -5.54 6.28 -12.95
CA SER A 6 -6.27 5.07 -13.35
C SER A 6 -6.26 3.96 -12.26
N GLY A 7 -5.61 4.22 -11.13
CA GLY A 7 -5.53 3.31 -9.97
C GLY A 7 -4.30 2.40 -9.96
N ASN A 8 -3.33 2.60 -10.85
CA ASN A 8 -2.09 1.80 -10.91
C ASN A 8 -1.27 1.90 -9.63
N LEU A 9 -1.20 3.08 -9.01
CA LEU A 9 -0.50 3.29 -7.75
C LEU A 9 -1.02 2.40 -6.62
N LEU A 10 -2.31 2.07 -6.60
CA LEU A 10 -2.85 1.09 -5.65
C LEU A 10 -2.24 -0.31 -5.86
N GLN A 11 -2.09 -0.74 -7.12
CA GLN A 11 -1.46 -2.02 -7.49
C GLN A 11 0.03 -2.07 -7.09
N ARG A 12 0.74 -0.93 -7.09
CA ARG A 12 2.09 -0.84 -6.49
C ARG A 12 2.02 -0.95 -4.96
N MET A 13 1.10 -0.22 -4.33
CA MET A 13 0.92 -0.14 -2.87
C MET A 13 0.48 -1.45 -2.21
N LEU A 14 -0.12 -2.39 -2.93
CA LEU A 14 -0.53 -3.69 -2.34
C LEU A 14 0.61 -4.47 -1.68
N ARG A 15 1.87 -4.21 -2.09
CA ARG A 15 3.07 -4.74 -1.46
C ARG A 15 3.41 -3.99 -0.17
N PRO A 16 3.80 -2.70 -0.23
CA PRO A 16 4.32 -1.98 0.93
C PRO A 16 3.26 -1.67 1.99
N LEU A 17 2.01 -1.39 1.58
CA LEU A 17 0.96 -1.01 2.53
C LEU A 17 0.50 -2.20 3.39
N ARG A 18 0.61 -3.44 2.87
CA ARG A 18 0.27 -4.68 3.59
C ARG A 18 1.12 -4.86 4.85
N SER A 19 2.38 -4.43 4.81
CA SER A 19 3.26 -4.47 5.96
C SER A 19 2.82 -3.44 7.01
N GLY A 20 2.39 -2.26 6.59
CA GLY A 20 2.07 -1.17 7.51
C GLY A 20 0.81 -1.43 8.33
N LEU A 21 -0.25 -1.91 7.69
CA LEU A 21 -1.53 -2.18 8.34
C LEU A 21 -1.48 -3.27 9.42
N THR A 22 -0.54 -4.22 9.31
CA THR A 22 -0.37 -5.30 10.31
C THR A 22 0.68 -4.93 11.35
N GLN A 23 1.63 -4.05 11.02
CA GLN A 23 2.78 -3.77 11.89
C GLN A 23 2.37 -2.96 13.12
N LEU A 24 1.55 -1.91 12.92
CA LEU A 24 1.05 -1.07 14.02
C LEU A 24 0.03 -1.84 14.86
N LEU A 25 -0.92 -2.51 14.21
CA LEU A 25 -2.01 -3.28 14.84
C LEU A 25 -1.50 -4.50 15.65
N ASP A 26 -0.21 -4.83 15.56
CA ASP A 26 0.45 -5.86 16.37
C ASP A 26 0.71 -5.40 17.82
N PHE A 27 0.82 -4.08 18.07
CA PHE A 27 1.19 -3.51 19.37
C PHE A 27 0.39 -2.26 19.82
N PHE A 28 -0.53 -1.76 18.99
CA PHE A 28 -1.34 -0.55 19.22
C PHE A 28 -2.14 -0.55 20.55
N PHE A 1 4.44 11.39 -10.05
CA PHE A 1 3.22 10.57 -10.16
C PHE A 1 2.36 11.08 -11.31
N GLU A 2 2.25 10.31 -12.39
CA GLU A 2 1.65 10.76 -13.67
C GLU A 2 1.06 9.62 -14.54
N ASP A 3 1.49 8.37 -14.35
CA ASP A 3 0.91 7.16 -14.96
C ASP A 3 -0.17 6.50 -14.07
N ILE A 4 -0.60 7.17 -13.00
CA ILE A 4 -1.44 6.61 -11.94
C ILE A 4 -2.92 6.42 -12.33
N LEU A 5 -3.37 7.05 -13.42
CA LEU A 5 -4.77 7.12 -13.86
C LEU A 5 -5.39 5.73 -14.09
N SER A 6 -4.59 4.81 -14.64
CA SER A 6 -4.96 3.42 -14.95
C SER A 6 -5.04 2.51 -13.71
N GLY A 7 -4.72 3.03 -12.52
CA GLY A 7 -4.69 2.31 -11.26
C GLY A 7 -3.34 1.64 -10.93
N ASN A 8 -2.25 2.06 -11.60
CA ASN A 8 -0.92 1.46 -11.43
C ASN A 8 -0.39 1.63 -10.00
N LEU A 9 -0.53 2.83 -9.41
CA LEU A 9 -0.07 3.12 -8.06
C LEU A 9 -0.73 2.24 -7.00
N LEU A 10 -1.99 1.85 -7.19
CA LEU A 10 -2.66 0.89 -6.31
C LEU A 10 -1.97 -0.48 -6.33
N GLN A 11 -1.58 -0.96 -7.52
CA GLN A 11 -0.85 -2.23 -7.68
C GLN A 11 0.53 -2.21 -7.01
N ARG A 12 1.20 -1.05 -6.91
CA ARG A 12 2.41 -0.89 -6.08
C ARG A 12 2.04 -0.93 -4.59
N MET A 13 1.01 -0.19 -4.18
CA MET A 13 0.55 -0.05 -2.79
C MET A 13 0.03 -1.33 -2.15
N LEU A 14 -0.38 -2.35 -2.91
CA LEU A 14 -0.86 -3.63 -2.36
C LEU A 14 0.17 -4.32 -1.44
N ARG A 15 1.47 -4.03 -1.62
CA ARG A 15 2.55 -4.47 -0.74
C ARG A 15 2.65 -3.61 0.53
N PRO A 16 3.06 -2.32 0.43
CA PRO A 16 3.40 -1.52 1.59
C PRO A 16 2.19 -1.17 2.45
N LEU A 17 1.00 -0.99 1.87
CA LEU A 17 -0.19 -0.63 2.65
C LEU A 17 -0.63 -1.82 3.53
N ARG A 18 -0.54 -3.05 3.01
CA ARG A 18 -0.79 -4.30 3.77
C ARG A 18 0.25 -4.52 4.86
N SER A 19 1.50 -4.17 4.61
CA SER A 19 2.59 -4.31 5.57
C SER A 19 2.45 -3.30 6.71
N GLY A 20 1.96 -2.10 6.42
CA GLY A 20 1.87 -1.03 7.41
C GLY A 20 0.82 -1.28 8.48
N LEU A 21 -0.40 -1.65 8.06
CA LEU A 21 -1.50 -1.92 8.97
C LEU A 21 -1.19 -3.02 9.99
N THR A 22 -0.50 -4.08 9.57
CA THR A 22 -0.17 -5.22 10.44
C THR A 22 1.02 -4.90 11.34
N GLN A 23 1.93 -4.05 10.88
CA GLN A 23 3.14 -3.72 11.63
C GLN A 23 2.80 -2.89 12.88
N LEU A 24 1.80 -2.00 12.77
CA LEU A 24 1.24 -1.26 13.89
C LEU A 24 0.36 -2.16 14.79
N LEU A 25 -0.62 -2.87 14.21
CA LEU A 25 -1.57 -3.72 14.96
C LEU A 25 -0.91 -4.90 15.69
N ASP A 26 0.36 -5.22 15.38
CA ASP A 26 1.20 -6.17 16.12
C ASP A 26 1.49 -5.72 17.58
N PHE A 27 1.46 -4.41 17.88
CA PHE A 27 1.74 -3.85 19.22
C PHE A 27 0.72 -2.79 19.71
N PHE A 28 0.00 -2.13 18.81
CA PHE A 28 -1.11 -1.20 19.10
C PHE A 28 -2.30 -1.89 19.79
N PHE A 1 2.32 11.80 -14.59
CA PHE A 1 2.17 10.60 -13.73
C PHE A 1 2.03 9.32 -14.57
N GLU A 2 2.25 8.15 -13.96
CA GLU A 2 2.17 6.83 -14.63
C GLU A 2 0.73 6.30 -14.80
N ASP A 3 -0.15 7.15 -15.34
CA ASP A 3 -1.60 6.91 -15.50
C ASP A 3 -2.28 6.47 -14.18
N ILE A 4 -1.78 6.96 -13.04
CA ILE A 4 -2.19 6.55 -11.68
C ILE A 4 -3.68 6.77 -11.37
N LEU A 5 -4.36 7.62 -12.17
CA LEU A 5 -5.82 7.83 -12.18
C LEU A 5 -6.59 6.52 -12.41
N SER A 6 -6.02 5.62 -13.21
CA SER A 6 -6.54 4.28 -13.54
C SER A 6 -6.37 3.26 -12.41
N GLY A 7 -5.76 3.65 -11.28
CA GLY A 7 -5.51 2.80 -10.11
C GLY A 7 -4.18 2.04 -10.13
N ASN A 8 -3.24 2.40 -11.01
CA ASN A 8 -1.96 1.71 -11.14
C ASN A 8 -1.14 1.81 -9.83
N LEU A 9 -1.07 3.00 -9.21
CA LEU A 9 -0.34 3.21 -7.97
C LEU A 9 -0.89 2.35 -6.81
N LEU A 10 -2.21 2.09 -6.77
CA LEU A 10 -2.79 1.16 -5.80
C LEU A 10 -2.25 -0.26 -5.98
N GLN A 11 -2.12 -0.75 -7.22
CA GLN A 11 -1.55 -2.06 -7.53
C GLN A 11 -0.07 -2.17 -7.11
N ARG A 12 0.69 -1.07 -7.12
CA ARG A 12 2.04 -1.04 -6.52
C ARG A 12 1.95 -1.10 -4.99
N MET A 13 1.08 -0.29 -4.38
CA MET A 13 0.90 -0.15 -2.93
C MET A 13 0.38 -1.41 -2.21
N LEU A 14 -0.24 -2.35 -2.92
CA LEU A 14 -0.71 -3.62 -2.31
C LEU A 14 0.42 -4.41 -1.61
N ARG A 15 1.67 -4.22 -2.03
CA ARG A 15 2.86 -4.79 -1.38
C ARG A 15 3.26 -4.02 -0.11
N PRO A 16 3.67 -2.74 -0.21
CA PRO A 16 4.25 -2.01 0.92
C PRO A 16 3.21 -1.62 1.97
N LEU A 17 1.98 -1.29 1.57
CA LEU A 17 0.96 -0.83 2.54
C LEU A 17 0.48 -1.99 3.43
N ARG A 18 0.52 -3.24 2.94
CA ARG A 18 0.15 -4.46 3.67
C ARG A 18 1.03 -4.69 4.90
N SER A 19 2.28 -4.24 4.84
CA SER A 19 3.23 -4.33 5.95
C SER A 19 2.94 -3.28 7.02
N GLY A 20 2.41 -2.11 6.65
CA GLY A 20 2.17 -1.02 7.61
C GLY A 20 0.99 -1.29 8.52
N LEU A 21 -0.14 -1.67 7.93
CA LEU A 21 -1.38 -1.93 8.69
C LEU A 21 -1.24 -3.04 9.75
N THR A 22 -0.41 -4.06 9.47
CA THR A 22 -0.16 -5.18 10.40
C THR A 22 0.90 -4.83 11.43
N GLN A 23 1.84 -3.93 11.10
CA GLN A 23 2.94 -3.60 11.99
C GLN A 23 2.47 -2.78 13.19
N LEU A 24 1.51 -1.87 12.96
CA LEU A 24 0.85 -1.12 14.03
C LEU A 24 -0.10 -2.03 14.85
N LEU A 25 -1.00 -2.76 14.20
CA LEU A 25 -1.98 -3.65 14.84
C LEU A 25 -1.35 -4.82 15.63
N ASP A 26 -0.05 -5.07 15.45
CA ASP A 26 0.74 -6.01 16.26
C ASP A 26 0.89 -5.57 17.74
N PHE A 27 0.77 -4.26 18.04
CA PHE A 27 0.90 -3.70 19.40
C PHE A 27 -0.19 -2.69 19.79
N PHE A 28 -0.83 -2.03 18.83
CA PHE A 28 -1.99 -1.14 19.02
C PHE A 28 -3.23 -1.90 19.56
N PHE A 1 0.05 13.29 -13.65
CA PHE A 1 0.07 12.38 -12.48
C PHE A 1 0.87 11.11 -12.77
N GLU A 2 1.29 10.39 -11.72
CA GLU A 2 2.16 9.22 -11.73
C GLU A 2 1.46 7.91 -12.19
N ASP A 3 0.85 7.96 -13.38
CA ASP A 3 0.11 6.85 -14.02
C ASP A 3 -1.09 6.31 -13.19
N ILE A 4 -1.60 7.12 -12.25
CA ILE A 4 -2.64 6.73 -11.29
C ILE A 4 -4.03 6.48 -11.93
N LEU A 5 -4.25 6.98 -13.15
CA LEU A 5 -5.55 6.94 -13.85
C LEU A 5 -6.00 5.51 -14.18
N SER A 6 -5.06 4.62 -14.53
CA SER A 6 -5.29 3.19 -14.75
C SER A 6 -5.31 2.37 -13.44
N GLY A 7 -4.89 2.99 -12.33
CA GLY A 7 -4.75 2.33 -11.02
C GLY A 7 -3.38 1.73 -10.75
N ASN A 8 -2.31 2.13 -11.45
CA ASN A 8 -0.97 1.54 -11.30
C ASN A 8 -0.42 1.71 -9.88
N LEU A 9 -0.54 2.90 -9.30
CA LEU A 9 -0.07 3.19 -7.94
C LEU A 9 -0.74 2.29 -6.88
N LEU A 10 -2.00 1.91 -7.06
CA LEU A 10 -2.66 0.94 -6.19
C LEU A 10 -1.97 -0.43 -6.24
N GLN A 11 -1.59 -0.90 -7.43
CA GLN A 11 -0.86 -2.16 -7.63
C GLN A 11 0.53 -2.15 -6.97
N ARG A 12 1.19 -0.98 -6.86
CA ARG A 12 2.41 -0.82 -6.04
C ARG A 12 2.07 -0.88 -4.55
N MET A 13 1.05 -0.15 -4.11
CA MET A 13 0.61 -0.04 -2.72
C MET A 13 0.12 -1.33 -2.07
N LEU A 14 -0.30 -2.33 -2.84
CA LEU A 14 -0.76 -3.62 -2.31
C LEU A 14 0.27 -4.31 -1.38
N ARG A 15 1.57 -4.03 -1.59
CA ARG A 15 2.66 -4.47 -0.71
C ARG A 15 2.78 -3.62 0.57
N PRO A 16 3.16 -2.33 0.48
CA PRO A 16 3.49 -1.54 1.65
C PRO A 16 2.29 -1.21 2.52
N LEU A 17 1.09 -1.03 1.94
CA LEU A 17 -0.10 -0.69 2.73
C LEU A 17 -0.54 -1.89 3.59
N ARG A 18 -0.46 -3.12 3.03
CA ARG A 18 -0.72 -4.38 3.75
C ARG A 18 0.30 -4.62 4.86
N SER A 19 1.55 -4.26 4.63
CA SER A 19 2.63 -4.43 5.62
C SER A 19 2.49 -3.45 6.78
N GLY A 20 1.96 -2.24 6.52
CA GLY A 20 1.84 -1.21 7.55
C GLY A 20 0.76 -1.50 8.57
N LEU A 21 -0.44 -1.85 8.09
CA LEU A 21 -1.59 -2.13 8.97
C LEU A 21 -1.31 -3.27 9.97
N THR A 22 -0.62 -4.32 9.52
CA THR A 22 -0.32 -5.48 10.38
C THR A 22 0.83 -5.18 11.33
N GLN A 23 1.76 -4.31 10.93
CA GLN A 23 2.88 -3.94 11.77
C GLN A 23 2.43 -3.03 12.93
N LEU A 24 1.46 -2.15 12.68
CA LEU A 24 0.84 -1.32 13.71
C LEU A 24 -0.09 -2.11 14.62
N LEU A 25 -1.00 -2.95 14.11
CA LEU A 25 -1.89 -3.78 14.96
C LEU A 25 -1.13 -4.84 15.78
N ASP A 26 0.13 -5.13 15.44
CA ASP A 26 1.05 -5.96 16.24
C ASP A 26 1.71 -5.18 17.40
N PHE A 27 1.99 -3.90 17.18
CA PHE A 27 2.63 -2.97 18.13
C PHE A 27 1.63 -2.37 19.14
N PHE A 28 0.45 -1.99 18.67
CA PHE A 28 -0.68 -1.42 19.42
C PHE A 28 -1.30 -2.44 20.42
N PHE A 1 6.25 8.38 -9.66
CA PHE A 1 5.44 7.28 -10.25
C PHE A 1 4.96 7.63 -11.66
N GLU A 2 4.51 6.63 -12.42
CA GLU A 2 3.92 6.77 -13.76
C GLU A 2 2.67 5.89 -13.91
N ASP A 3 1.76 6.29 -14.82
CA ASP A 3 0.51 5.60 -15.19
C ASP A 3 -0.49 5.41 -14.04
N ILE A 4 -0.38 6.23 -12.99
CA ILE A 4 -1.17 6.15 -11.75
C ILE A 4 -2.68 6.36 -11.98
N LEU A 5 -3.04 7.08 -13.04
CA LEU A 5 -4.41 7.44 -13.44
C LEU A 5 -5.30 6.20 -13.69
N SER A 6 -4.69 5.16 -14.27
CA SER A 6 -5.34 3.87 -14.56
C SER A 6 -5.59 2.99 -13.30
N GLY A 7 -5.00 3.37 -12.16
CA GLY A 7 -5.03 2.59 -10.92
C GLY A 7 -3.75 1.78 -10.64
N ASN A 8 -2.67 1.97 -11.42
CA ASN A 8 -1.41 1.25 -11.25
C ASN A 8 -0.76 1.49 -9.88
N LEU A 9 -0.85 2.71 -9.35
CA LEU A 9 -0.32 3.07 -8.04
C LEU A 9 -0.93 2.22 -6.91
N LEU A 10 -2.20 1.80 -7.04
CA LEU A 10 -2.80 0.85 -6.11
C LEU A 10 -2.08 -0.51 -6.14
N GLN A 11 -1.73 -1.00 -7.34
CA GLN A 11 -0.99 -2.25 -7.53
C GLN A 11 0.44 -2.18 -6.98
N ARG A 12 1.09 -1.00 -6.97
CA ARG A 12 2.36 -0.80 -6.22
C ARG A 12 2.10 -0.83 -4.72
N MET A 13 1.04 -0.15 -4.24
CA MET A 13 0.67 -0.02 -2.83
C MET A 13 0.20 -1.30 -2.14
N LEU A 14 -0.31 -2.30 -2.88
CA LEU A 14 -0.79 -3.57 -2.26
C LEU A 14 0.28 -4.27 -1.41
N ARG A 15 1.57 -4.03 -1.69
CA ARG A 15 2.70 -4.48 -0.89
C ARG A 15 2.90 -3.64 0.38
N PRO A 16 3.32 -2.36 0.26
CA PRO A 16 3.74 -1.56 1.40
C PRO A 16 2.57 -1.20 2.33
N LEU A 17 1.37 -0.96 1.79
CA LEU A 17 0.24 -0.56 2.62
C LEU A 17 -0.23 -1.72 3.50
N ARG A 18 -0.23 -2.96 2.97
CA ARG A 18 -0.55 -4.18 3.72
C ARG A 18 0.45 -4.47 4.83
N SER A 19 1.72 -4.17 4.61
CA SER A 19 2.79 -4.37 5.59
C SER A 19 2.69 -3.36 6.73
N GLY A 20 2.25 -2.13 6.45
CA GLY A 20 2.19 -1.07 7.45
C GLY A 20 1.08 -1.28 8.48
N LEU A 21 -0.13 -1.56 8.01
CA LEU A 21 -1.29 -1.76 8.89
C LEU A 21 -1.09 -2.88 9.91
N THR A 22 -0.45 -3.99 9.51
CA THR A 22 -0.23 -5.14 10.38
C THR A 22 0.93 -4.91 11.33
N GLN A 23 1.92 -4.11 10.91
CA GLN A 23 3.11 -3.87 11.72
C GLN A 23 2.78 -3.02 12.96
N LEU A 24 1.85 -2.08 12.83
CA LEU A 24 1.30 -1.31 13.94
C LEU A 24 0.32 -2.14 14.78
N LEU A 25 -0.70 -2.75 14.16
CA LEU A 25 -1.76 -3.52 14.86
C LEU A 25 -1.22 -4.76 15.60
N ASP A 26 0.02 -5.18 15.34
CA ASP A 26 0.73 -6.21 16.11
C ASP A 26 1.00 -5.80 17.58
N PHE A 27 1.06 -4.50 17.89
CA PHE A 27 1.32 -3.98 19.25
C PHE A 27 0.37 -2.84 19.71
N PHE A 28 -0.24 -2.11 18.78
CA PHE A 28 -1.27 -1.08 19.02
C PHE A 28 -2.56 -1.67 19.64
N PHE A 1 4.00 11.21 -8.27
CA PHE A 1 3.61 9.83 -8.67
C PHE A 1 3.61 9.67 -10.19
N GLU A 2 3.59 8.42 -10.68
CA GLU A 2 3.57 8.08 -12.11
C GLU A 2 2.58 6.93 -12.41
N ASP A 3 1.98 6.96 -13.61
CA ASP A 3 1.07 5.93 -14.14
C ASP A 3 -0.27 5.78 -13.39
N ILE A 4 -0.63 6.76 -12.55
CA ILE A 4 -1.81 6.74 -11.66
C ILE A 4 -3.16 6.64 -12.41
N LEU A 5 -3.18 7.01 -13.69
CA LEU A 5 -4.37 7.12 -14.55
C LEU A 5 -5.14 5.79 -14.66
N SER A 6 -4.42 4.68 -14.80
CA SER A 6 -4.96 3.31 -14.89
C SER A 6 -5.18 2.63 -13.52
N GLY A 7 -4.71 3.25 -12.43
CA GLY A 7 -4.70 2.64 -11.08
C GLY A 7 -3.41 1.88 -10.73
N ASN A 8 -2.29 2.13 -11.43
CA ASN A 8 -1.03 1.40 -11.20
C ASN A 8 -0.47 1.61 -9.79
N LEU A 9 -0.57 2.83 -9.25
CA LEU A 9 -0.12 3.15 -7.90
C LEU A 9 -0.78 2.28 -6.82
N LEU A 10 -2.04 1.87 -7.03
CA LEU A 10 -2.70 0.92 -6.15
C LEU A 10 -2.01 -0.45 -6.18
N GLN A 11 -1.63 -0.94 -7.36
CA GLN A 11 -0.87 -2.19 -7.54
C GLN A 11 0.52 -2.14 -6.90
N ARG A 12 1.18 -0.97 -6.87
CA ARG A 12 2.41 -0.78 -6.06
C ARG A 12 2.09 -0.84 -4.56
N MET A 13 1.04 -0.13 -4.13
CA MET A 13 0.62 -0.01 -2.72
C MET A 13 0.13 -1.31 -2.06
N LEU A 14 -0.31 -2.31 -2.83
CA LEU A 14 -0.77 -3.60 -2.25
C LEU A 14 0.29 -4.29 -1.37
N ARG A 15 1.58 -4.00 -1.59
CA ARG A 15 2.69 -4.44 -0.76
C ARG A 15 2.83 -3.60 0.52
N PRO A 16 3.23 -2.32 0.44
CA PRO A 16 3.58 -1.52 1.60
C PRO A 16 2.38 -1.21 2.50
N LEU A 17 1.18 -1.01 1.93
CA LEU A 17 0.01 -0.66 2.74
C LEU A 17 -0.43 -1.85 3.58
N ARG A 18 -0.37 -3.08 3.03
CA ARG A 18 -0.66 -4.34 3.73
C ARG A 18 0.35 -4.60 4.85
N SER A 19 1.60 -4.25 4.64
CA SER A 19 2.66 -4.43 5.63
C SER A 19 2.51 -3.47 6.80
N GLY A 20 2.00 -2.26 6.54
CA GLY A 20 1.87 -1.22 7.56
C GLY A 20 0.76 -1.51 8.56
N LEU A 21 -0.44 -1.83 8.05
CA LEU A 21 -1.61 -2.09 8.91
C LEU A 21 -1.38 -3.25 9.90
N THR A 22 -0.69 -4.31 9.48
CA THR A 22 -0.43 -5.47 10.32
C THR A 22 0.71 -5.21 11.30
N GLN A 23 1.65 -4.33 10.93
CA GLN A 23 2.77 -4.00 11.80
C GLN A 23 2.32 -3.11 12.96
N LEU A 24 1.45 -2.14 12.70
CA LEU A 24 0.87 -1.29 13.76
C LEU A 24 -0.11 -2.06 14.65
N LEU A 25 -1.01 -2.89 14.10
CA LEU A 25 -1.92 -3.74 14.92
C LEU A 25 -1.20 -4.89 15.65
N ASP A 26 0.10 -5.07 15.44
CA ASP A 26 0.98 -5.96 16.22
C ASP A 26 1.64 -5.18 17.38
N PHE A 27 2.08 -3.95 17.11
CA PHE A 27 2.72 -3.01 18.03
C PHE A 27 1.75 -2.37 19.06
N PHE A 28 0.48 -2.15 18.70
CA PHE A 28 -0.50 -1.36 19.47
C PHE A 28 -0.84 -1.91 20.87
N PHE A 1 5.97 9.21 -8.57
CA PHE A 1 5.42 7.99 -9.21
C PHE A 1 5.25 8.17 -10.72
N GLU A 2 5.06 7.08 -11.47
CA GLU A 2 4.87 7.07 -12.93
C GLU A 2 3.72 6.13 -13.34
N ASP A 3 3.04 6.46 -14.44
CA ASP A 3 1.97 5.69 -15.11
C ASP A 3 0.73 5.41 -14.22
N ILE A 4 0.50 6.23 -13.20
CA ILE A 4 -0.50 6.01 -12.15
C ILE A 4 -1.96 6.01 -12.64
N LEU A 5 -2.24 6.64 -13.78
CA LEU A 5 -3.57 6.81 -14.36
C LEU A 5 -4.25 5.48 -14.74
N SER A 6 -3.45 4.48 -15.13
CA SER A 6 -3.91 3.13 -15.46
C SER A 6 -4.29 2.30 -14.21
N GLY A 7 -4.06 2.84 -13.02
CA GLY A 7 -4.19 2.12 -11.74
C GLY A 7 -2.91 1.43 -11.25
N ASN A 8 -1.75 1.73 -11.85
CA ASN A 8 -0.46 1.12 -11.49
C ASN A 8 -0.07 1.42 -10.04
N LEU A 9 -0.34 2.63 -9.54
CA LEU A 9 -0.04 3.03 -8.16
C LEU A 9 -0.75 2.13 -7.13
N LEU A 10 -1.95 1.63 -7.44
CA LEU A 10 -2.62 0.64 -6.59
C LEU A 10 -1.82 -0.68 -6.52
N GLN A 11 -1.29 -1.14 -7.65
CA GLN A 11 -0.44 -2.34 -7.73
C GLN A 11 0.89 -2.18 -6.95
N ARG A 12 1.45 -0.96 -6.87
CA ARG A 12 2.57 -0.67 -5.96
C ARG A 12 2.10 -0.74 -4.50
N MET A 13 0.98 -0.09 -4.18
CA MET A 13 0.42 0.03 -2.82
C MET A 13 -0.05 -1.28 -2.19
N LEU A 14 -0.36 -2.33 -2.95
CA LEU A 14 -0.80 -3.62 -2.40
C LEU A 14 0.20 -4.24 -1.39
N ARG A 15 1.48 -3.88 -1.50
CA ARG A 15 2.54 -4.24 -0.55
C ARG A 15 2.53 -3.35 0.69
N PRO A 16 2.86 -2.05 0.59
CA PRO A 16 3.11 -1.20 1.75
C PRO A 16 1.84 -0.90 2.54
N LEU A 17 0.66 -0.80 1.88
CA LEU A 17 -0.57 -0.49 2.60
C LEU A 17 -1.00 -1.68 3.48
N ARG A 18 -0.85 -2.91 2.97
CA ARG A 18 -1.11 -4.16 3.69
C ARG A 18 -0.10 -4.42 4.80
N SER A 19 1.16 -4.07 4.58
CA SER A 19 2.20 -4.23 5.60
C SER A 19 1.96 -3.25 6.75
N GLY A 20 1.56 -2.01 6.44
CA GLY A 20 1.50 -0.94 7.43
C GLY A 20 0.40 -1.13 8.46
N LEU A 21 -0.78 -1.57 8.02
CA LEU A 21 -1.90 -1.86 8.91
C LEU A 21 -1.63 -2.98 9.92
N THR A 22 -0.86 -4.00 9.54
CA THR A 22 -0.54 -5.13 10.44
C THR A 22 0.72 -4.88 11.27
N GLN A 23 1.65 -4.07 10.77
CA GLN A 23 2.97 -3.92 11.38
C GLN A 23 2.91 -3.20 12.73
N LEU A 24 2.10 -2.15 12.82
CA LEU A 24 1.87 -1.41 14.06
C LEU A 24 0.96 -2.19 15.02
N LEU A 25 -0.19 -2.68 14.53
CA LEU A 25 -1.21 -3.41 15.30
C LEU A 25 -0.70 -4.73 15.92
N ASP A 26 0.47 -5.22 15.49
CA ASP A 26 1.17 -6.35 16.12
C ASP A 26 1.69 -6.05 17.54
N PHE A 27 1.91 -4.77 17.89
CA PHE A 27 2.43 -4.33 19.19
C PHE A 27 1.69 -3.14 19.83
N PHE A 28 1.04 -2.29 19.04
CA PHE A 28 0.15 -1.19 19.46
C PHE A 28 -1.13 -1.71 20.14
N PHE A 1 2.07 12.51 -15.09
CA PHE A 1 1.94 11.41 -14.10
C PHE A 1 2.11 10.04 -14.76
N GLU A 2 2.60 9.05 -14.01
CA GLU A 2 2.92 7.69 -14.46
C GLU A 2 1.69 6.77 -14.58
N ASP A 3 0.64 7.27 -15.24
CA ASP A 3 -0.67 6.62 -15.43
C ASP A 3 -1.38 6.20 -14.12
N ILE A 4 -1.02 6.82 -13.00
CA ILE A 4 -1.55 6.47 -11.66
C ILE A 4 -3.05 6.75 -11.49
N LEU A 5 -3.61 7.62 -12.34
CA LEU A 5 -5.05 7.91 -12.46
C LEU A 5 -5.86 6.65 -12.79
N SER A 6 -5.27 5.74 -13.58
CA SER A 6 -5.85 4.46 -14.00
C SER A 6 -5.78 3.36 -12.93
N GLY A 7 -5.18 3.67 -11.77
CA GLY A 7 -5.06 2.78 -10.60
C GLY A 7 -3.74 2.02 -10.48
N ASN A 8 -2.71 2.38 -11.25
CA ASN A 8 -1.40 1.71 -11.19
C ASN A 8 -0.74 1.82 -9.82
N LEU A 9 -0.78 3.00 -9.19
CA LEU A 9 -0.19 3.23 -7.87
C LEU A 9 -0.81 2.33 -6.78
N LEU A 10 -2.10 2.00 -6.89
CA LEU A 10 -2.73 1.02 -5.98
C LEU A 10 -2.08 -0.36 -6.11
N GLN A 11 -1.79 -0.82 -7.33
CA GLN A 11 -1.12 -2.09 -7.60
C GLN A 11 0.32 -2.13 -7.04
N ARG A 12 1.02 -0.99 -6.95
CA ARG A 12 2.29 -0.89 -6.22
C ARG A 12 2.05 -0.97 -4.71
N MET A 13 1.07 -0.21 -4.20
CA MET A 13 0.73 -0.12 -2.77
C MET A 13 0.22 -1.41 -2.13
N LEU A 14 -0.29 -2.38 -2.89
CA LEU A 14 -0.76 -3.67 -2.34
C LEU A 14 0.31 -4.41 -1.52
N ARG A 15 1.60 -4.16 -1.80
CA ARG A 15 2.73 -4.66 -1.01
C ARG A 15 2.93 -3.85 0.28
N PRO A 16 3.34 -2.57 0.22
CA PRO A 16 3.76 -1.82 1.39
C PRO A 16 2.61 -1.47 2.33
N LEU A 17 1.40 -1.23 1.81
CA LEU A 17 0.27 -0.87 2.66
C LEU A 17 -0.19 -2.06 3.52
N ARG A 18 -0.12 -3.29 2.97
CA ARG A 18 -0.42 -4.54 3.70
C ARG A 18 0.58 -4.79 4.84
N SER A 19 1.82 -4.38 4.67
CA SER A 19 2.86 -4.45 5.70
C SER A 19 2.64 -3.39 6.78
N GLY A 20 2.12 -2.22 6.41
CA GLY A 20 1.94 -1.12 7.35
C GLY A 20 0.84 -1.38 8.37
N LEU A 21 -0.34 -1.78 7.90
CA LEU A 21 -1.49 -2.04 8.76
C LEU A 21 -1.23 -3.12 9.83
N THR A 22 -0.45 -4.15 9.50
CA THR A 22 -0.12 -5.26 10.41
C THR A 22 1.00 -4.88 11.35
N GLN A 23 1.90 -3.99 10.93
CA GLN A 23 3.05 -3.60 11.74
C GLN A 23 2.63 -2.74 12.93
N LEU A 24 1.62 -1.88 12.74
CA LEU A 24 0.98 -1.12 13.81
C LEU A 24 0.11 -2.02 14.69
N LEU A 25 -0.82 -2.79 14.12
CA LEU A 25 -1.75 -3.68 14.85
C LEU A 25 -1.05 -4.81 15.63
N ASP A 26 0.24 -5.06 15.38
CA ASP A 26 1.09 -5.95 16.18
C ASP A 26 1.31 -5.45 17.63
N PHE A 27 1.20 -4.14 17.90
CA PHE A 27 1.39 -3.53 19.22
C PHE A 27 0.30 -2.52 19.65
N PHE A 28 -0.42 -1.92 18.70
CA PHE A 28 -1.58 -1.04 18.93
C PHE A 28 -2.76 -1.78 19.59
N PHE A 1 4.69 11.54 -9.90
CA PHE A 1 4.28 10.34 -10.67
C PHE A 1 3.38 10.71 -11.84
N GLU A 2 3.09 9.74 -12.72
CA GLU A 2 2.13 9.84 -13.83
C GLU A 2 1.39 8.51 -14.05
N ASP A 3 0.22 8.56 -14.69
CA ASP A 3 -0.69 7.41 -14.96
C ASP A 3 -1.22 6.70 -13.69
N ILE A 4 -1.10 7.34 -12.52
CA ILE A 4 -1.62 6.82 -11.24
C ILE A 4 -3.16 6.82 -11.18
N LEU A 5 -3.81 7.67 -11.99
CA LEU A 5 -5.26 7.78 -12.13
C LEU A 5 -5.91 6.46 -12.59
N SER A 6 -5.19 5.72 -13.43
CA SER A 6 -5.58 4.42 -13.99
C SER A 6 -5.50 3.25 -13.00
N GLY A 7 -5.02 3.53 -11.78
CA GLY A 7 -4.92 2.57 -10.66
C GLY A 7 -3.56 1.87 -10.52
N ASN A 8 -2.52 2.32 -11.26
CA ASN A 8 -1.18 1.73 -11.18
C ASN A 8 -0.57 1.87 -9.78
N LEU A 9 -0.70 3.04 -9.15
CA LEU A 9 -0.17 3.28 -7.80
C LEU A 9 -0.78 2.36 -6.75
N LEU A 10 -2.06 1.96 -6.89
CA LEU A 10 -2.68 0.95 -6.03
C LEU A 10 -1.97 -0.40 -6.14
N GLN A 11 -1.62 -0.83 -7.35
CA GLN A 11 -0.87 -2.07 -7.60
C GLN A 11 0.53 -2.07 -6.98
N ARG A 12 1.18 -0.89 -6.86
CA ARG A 12 2.42 -0.75 -6.07
C ARG A 12 2.12 -0.84 -4.58
N MET A 13 1.08 -0.15 -4.11
CA MET A 13 0.66 -0.07 -2.69
C MET A 13 0.18 -1.38 -2.08
N LEU A 14 -0.27 -2.37 -2.87
CA LEU A 14 -0.73 -3.67 -2.35
C LEU A 14 0.31 -4.39 -1.47
N ARG A 15 1.61 -4.11 -1.69
CA ARG A 15 2.72 -4.58 -0.87
C ARG A 15 2.87 -3.77 0.44
N PRO A 16 3.26 -2.49 0.38
CA PRO A 16 3.62 -1.72 1.57
C PRO A 16 2.43 -1.41 2.47
N LEU A 17 1.22 -1.21 1.91
CA LEU A 17 0.06 -0.87 2.73
C LEU A 17 -0.38 -2.08 3.57
N ARG A 18 -0.30 -3.31 3.01
CA ARG A 18 -0.57 -4.57 3.71
C ARG A 18 0.42 -4.83 4.84
N SER A 19 1.66 -4.42 4.67
CA SER A 19 2.72 -4.54 5.68
C SER A 19 2.54 -3.51 6.80
N GLY A 20 1.99 -2.33 6.50
CA GLY A 20 1.83 -1.27 7.49
C GLY A 20 0.73 -1.55 8.50
N LEU A 21 -0.46 -1.93 8.02
CA LEU A 21 -1.61 -2.22 8.88
C LEU A 21 -1.32 -3.33 9.91
N THR A 22 -0.59 -4.36 9.51
CA THR A 22 -0.26 -5.50 10.38
C THR A 22 0.86 -5.16 11.34
N GLN A 23 1.77 -4.26 10.95
CA GLN A 23 2.87 -3.85 11.80
C GLN A 23 2.37 -2.94 12.92
N LEU A 24 1.39 -2.08 12.64
CA LEU A 24 0.75 -1.24 13.64
C LEU A 24 -0.19 -2.03 14.56
N LEU A 25 -1.08 -2.88 14.05
CA LEU A 25 -1.96 -3.71 14.91
C LEU A 25 -1.19 -4.76 15.76
N ASP A 26 0.08 -5.02 15.44
CA ASP A 26 1.01 -5.81 16.26
C ASP A 26 1.64 -5.00 17.42
N PHE A 27 1.89 -3.72 17.18
CA PHE A 27 2.50 -2.77 18.12
C PHE A 27 1.48 -2.16 19.11
N PHE A 28 0.30 -1.81 18.61
CA PHE A 28 -0.84 -1.25 19.34
C PHE A 28 -1.47 -2.25 20.34
N PHE A 1 1.95 12.88 -14.40
CA PHE A 1 2.08 11.72 -13.47
C PHE A 1 2.46 10.45 -14.23
N GLU A 2 2.97 9.43 -13.53
CA GLU A 2 3.46 8.15 -14.09
C GLU A 2 2.33 7.15 -14.42
N ASP A 3 1.31 7.61 -15.17
CA ASP A 3 0.09 6.87 -15.56
C ASP A 3 -0.71 6.30 -14.36
N ILE A 4 -0.54 6.88 -13.16
CA ILE A 4 -1.11 6.36 -11.91
C ILE A 4 -2.64 6.40 -11.85
N LEU A 5 -3.27 7.25 -12.67
CA LEU A 5 -4.72 7.36 -12.85
C LEU A 5 -5.34 6.10 -13.48
N SER A 6 -4.55 5.32 -14.23
CA SER A 6 -4.94 3.99 -14.74
C SER A 6 -5.03 2.94 -13.62
N GLY A 7 -4.54 3.27 -12.42
CA GLY A 7 -4.49 2.37 -11.26
C GLY A 7 -3.13 1.71 -10.99
N ASN A 8 -2.05 2.15 -11.64
CA ASN A 8 -0.72 1.55 -11.46
C ASN A 8 -0.21 1.68 -10.02
N LEU A 9 -0.35 2.87 -9.42
CA LEU A 9 0.11 3.13 -8.05
C LEU A 9 -0.59 2.24 -7.01
N LEU A 10 -1.86 1.88 -7.23
CA LEU A 10 -2.57 0.91 -6.38
C LEU A 10 -1.89 -0.46 -6.41
N GLN A 11 -1.46 -0.94 -7.59
CA GLN A 11 -0.74 -2.21 -7.75
C GLN A 11 0.62 -2.20 -7.03
N ARG A 12 1.28 -1.04 -6.89
CA ARG A 12 2.47 -0.88 -6.03
C ARG A 12 2.08 -0.93 -4.55
N MET A 13 1.04 -0.18 -4.17
CA MET A 13 0.54 -0.05 -2.79
C MET A 13 0.00 -1.34 -2.16
N LEU A 14 -0.39 -2.35 -2.95
CA LEU A 14 -0.85 -3.64 -2.43
C LEU A 14 0.14 -4.33 -1.47
N ARG A 15 1.44 -4.03 -1.60
CA ARG A 15 2.50 -4.46 -0.68
C ARG A 15 2.55 -3.60 0.58
N PRO A 16 2.94 -2.31 0.51
CA PRO A 16 3.23 -1.52 1.69
C PRO A 16 1.99 -1.20 2.52
N LEU A 17 0.82 -1.04 1.90
CA LEU A 17 -0.40 -0.71 2.64
C LEU A 17 -0.84 -1.90 3.51
N ARG A 18 -0.71 -3.13 3.00
CA ARG A 18 -0.92 -4.39 3.74
C ARG A 18 0.11 -4.59 4.84
N SER A 19 1.36 -4.19 4.61
CA SER A 19 2.43 -4.32 5.59
C SER A 19 2.21 -3.35 6.75
N GLY A 20 1.74 -2.13 6.47
CA GLY A 20 1.64 -1.09 7.48
C GLY A 20 0.53 -1.33 8.49
N LEU A 21 -0.64 -1.75 8.03
CA LEU A 21 -1.77 -2.06 8.91
C LEU A 21 -1.47 -3.17 9.92
N THR A 22 -0.66 -4.16 9.55
CA THR A 22 -0.25 -5.25 10.46
C THR A 22 0.97 -4.86 11.29
N GLN A 23 1.79 -3.94 10.80
CA GLN A 23 3.02 -3.55 11.50
C GLN A 23 2.70 -2.78 12.79
N LEU A 24 1.69 -1.91 12.75
CA LEU A 24 1.20 -1.19 13.92
C LEU A 24 0.43 -2.14 14.86
N LEU A 25 -0.56 -2.89 14.34
CA LEU A 25 -1.41 -3.79 15.12
C LEU A 25 -0.65 -4.96 15.80
N ASP A 26 0.61 -5.19 15.43
CA ASP A 26 1.52 -6.10 16.12
C ASP A 26 1.89 -5.65 17.55
N PHE A 27 1.81 -4.35 17.86
CA PHE A 27 2.14 -3.77 19.18
C PHE A 27 1.12 -2.76 19.74
N PHE A 28 0.31 -2.12 18.89
CA PHE A 28 -0.82 -1.25 19.25
C PHE A 28 -1.94 -2.02 19.98
N PHE A 1 2.28 12.26 -7.69
CA PHE A 1 1.94 10.85 -7.99
C PHE A 1 2.17 10.53 -9.47
N GLU A 2 2.23 9.24 -9.83
CA GLU A 2 2.41 8.75 -11.21
C GLU A 2 1.51 7.54 -11.52
N ASP A 3 1.09 7.41 -12.78
CA ASP A 3 0.33 6.27 -13.34
C ASP A 3 -1.08 6.06 -12.76
N ILE A 4 -1.63 7.03 -12.04
CA ILE A 4 -2.87 6.91 -11.24
C ILE A 4 -4.15 6.87 -12.08
N LEU A 5 -4.05 7.22 -13.36
CA LEU A 5 -5.14 7.37 -14.32
C LEU A 5 -5.94 6.06 -14.51
N SER A 6 -5.24 4.92 -14.41
CA SER A 6 -5.77 3.56 -14.49
C SER A 6 -5.74 2.79 -13.16
N GLY A 7 -5.27 3.44 -12.09
CA GLY A 7 -5.15 2.84 -10.75
C GLY A 7 -3.88 2.00 -10.52
N ASN A 8 -2.81 2.22 -11.31
CA ASN A 8 -1.58 1.43 -11.21
C ASN A 8 -0.88 1.58 -9.86
N LEU A 9 -0.84 2.80 -9.31
CA LEU A 9 -0.22 3.08 -8.01
C LEU A 9 -0.83 2.25 -6.87
N LEU A 10 -2.14 1.97 -6.93
CA LEU A 10 -2.80 1.07 -5.98
C LEU A 10 -2.22 -0.35 -6.05
N GLN A 11 -1.99 -0.87 -7.26
CA GLN A 11 -1.37 -2.18 -7.50
C GLN A 11 0.07 -2.27 -6.98
N ARG A 12 0.83 -1.16 -6.97
CA ARG A 12 2.14 -1.08 -6.28
C ARG A 12 1.95 -1.10 -4.76
N MET A 13 1.04 -0.27 -4.25
CA MET A 13 0.75 -0.09 -2.81
C MET A 13 0.24 -1.34 -2.10
N LEU A 14 -0.31 -2.33 -2.80
CA LEU A 14 -0.76 -3.60 -2.19
C LEU A 14 0.33 -4.33 -1.39
N ARG A 15 1.61 -4.10 -1.71
CA ARG A 15 2.76 -4.57 -0.94
C ARG A 15 3.03 -3.73 0.32
N PRO A 16 3.44 -2.46 0.19
CA PRO A 16 3.92 -1.67 1.31
C PRO A 16 2.80 -1.28 2.28
N LEU A 17 1.57 -1.04 1.79
CA LEU A 17 0.47 -0.62 2.67
C LEU A 17 0.03 -1.78 3.57
N ARG A 18 0.02 -3.02 3.03
CA ARG A 18 -0.29 -4.25 3.77
C ARG A 18 0.71 -4.52 4.88
N SER A 19 1.98 -4.19 4.66
CA SER A 19 3.03 -4.33 5.68
C SER A 19 2.88 -3.31 6.79
N GLY A 20 2.37 -2.11 6.48
CA GLY A 20 2.24 -1.03 7.46
C GLY A 20 1.12 -1.27 8.46
N LEU A 21 -0.08 -1.60 7.97
CA LEU A 21 -1.24 -1.82 8.82
C LEU A 21 -1.04 -2.94 9.85
N THR A 22 -0.37 -4.02 9.47
CA THR A 22 -0.10 -5.17 10.35
C THR A 22 1.04 -4.90 11.30
N GLN A 23 1.98 -4.02 10.94
CA GLN A 23 3.11 -3.71 11.79
C GLN A 23 2.67 -2.86 13.00
N LEU A 24 1.69 -1.98 12.80
CA LEU A 24 1.03 -1.24 13.87
C LEU A 24 0.08 -2.13 14.68
N LEU A 25 -0.85 -2.84 14.02
CA LEU A 25 -1.86 -3.70 14.69
C LEU A 25 -1.26 -4.89 15.47
N ASP A 26 0.04 -5.18 15.28
CA ASP A 26 0.80 -6.13 16.09
C ASP A 26 0.95 -5.70 17.57
N PHE A 27 0.88 -4.39 17.87
CA PHE A 27 1.02 -3.84 19.22
C PHE A 27 -0.04 -2.78 19.63
N PHE A 28 -0.68 -2.11 18.65
CA PHE A 28 -1.81 -1.19 18.84
C PHE A 28 -3.06 -1.90 19.41
N PHE A 1 1.37 12.50 -13.69
CA PHE A 1 1.17 11.42 -12.67
C PHE A 1 1.81 10.11 -13.14
N GLU A 2 2.10 9.17 -12.22
CA GLU A 2 2.73 7.87 -12.51
C GLU A 2 1.76 6.80 -13.07
N ASP A 3 1.01 7.17 -14.12
CA ASP A 3 -0.01 6.33 -14.78
C ASP A 3 -1.11 5.84 -13.81
N ILE A 4 -1.44 6.66 -12.80
CA ILE A 4 -2.41 6.38 -11.75
C ILE A 4 -3.85 6.18 -12.28
N LEU A 5 -4.16 6.72 -13.46
CA LEU A 5 -5.45 6.62 -14.14
C LEU A 5 -5.83 5.17 -14.45
N SER A 6 -4.82 4.37 -14.82
CA SER A 6 -4.92 2.93 -15.10
C SER A 6 -4.82 2.04 -13.87
N GLY A 7 -4.61 2.63 -12.69
CA GLY A 7 -4.52 1.94 -11.39
C GLY A 7 -3.13 1.43 -11.02
N ASN A 8 -2.05 1.93 -11.65
CA ASN A 8 -0.69 1.44 -11.41
C ASN A 8 -0.22 1.64 -9.96
N LEU A 9 -0.43 2.83 -9.40
CA LEU A 9 -0.05 3.16 -8.02
C LEU A 9 -0.73 2.24 -6.98
N LEU A 10 -1.96 1.79 -7.24
CA LEU A 10 -2.62 0.78 -6.40
C LEU A 10 -1.85 -0.54 -6.39
N GLN A 11 -1.36 -0.99 -7.55
CA GLN A 11 -0.55 -2.22 -7.67
C GLN A 11 0.80 -2.10 -6.93
N ARG A 12 1.39 -0.89 -6.83
CA ARG A 12 2.54 -0.65 -5.93
C ARG A 12 2.10 -0.73 -4.46
N MET A 13 0.99 -0.08 -4.11
CA MET A 13 0.46 0.00 -2.73
C MET A 13 -0.02 -1.31 -2.12
N LEU A 14 -0.36 -2.33 -2.91
CA LEU A 14 -0.83 -3.64 -2.38
C LEU A 14 0.18 -4.28 -1.40
N ARG A 15 1.47 -3.97 -1.54
CA ARG A 15 2.54 -4.37 -0.62
C ARG A 15 2.59 -3.51 0.65
N PRO A 16 2.96 -2.21 0.57
CA PRO A 16 3.24 -1.40 1.74
C PRO A 16 1.99 -1.11 2.57
N LEU A 17 0.81 -0.97 1.95
CA LEU A 17 -0.40 -0.66 2.71
C LEU A 17 -0.82 -1.85 3.57
N ARG A 18 -0.72 -3.08 3.04
CA ARG A 18 -0.95 -4.34 3.77
C ARG A 18 0.09 -4.58 4.87
N SER A 19 1.34 -4.21 4.63
CA SER A 19 2.44 -4.41 5.57
C SER A 19 2.32 -3.44 6.75
N GLY A 20 1.82 -2.23 6.52
CA GLY A 20 1.76 -1.19 7.54
C GLY A 20 0.70 -1.46 8.61
N LEU A 21 -0.52 -1.80 8.17
CA LEU A 21 -1.63 -2.07 9.07
C LEU A 21 -1.34 -3.23 10.05
N THR A 22 -0.67 -4.29 9.58
CA THR A 22 -0.35 -5.45 10.42
C THR A 22 0.83 -5.17 11.33
N GLN A 23 1.75 -4.31 10.90
CA GLN A 23 2.93 -3.99 11.69
C GLN A 23 2.55 -3.10 12.89
N LEU A 24 1.60 -2.17 12.70
CA LEU A 24 1.07 -1.35 13.77
C LEU A 24 0.14 -2.12 14.71
N LEU A 25 -0.84 -2.88 14.22
CA LEU A 25 -1.75 -3.67 15.09
C LEU A 25 -1.04 -4.80 15.87
N ASP A 26 0.19 -5.15 15.48
CA ASP A 26 1.09 -6.05 16.24
C ASP A 26 1.81 -5.34 17.40
N PHE A 27 2.17 -4.07 17.20
CA PHE A 27 2.88 -3.21 18.16
C PHE A 27 1.96 -2.55 19.20
N PHE A 28 0.79 -2.07 18.74
CA PHE A 28 -0.28 -1.43 19.53
C PHE A 28 -0.96 -2.40 20.51
N PHE A 1 3.56 11.21 -14.58
CA PHE A 1 3.41 9.92 -13.87
C PHE A 1 3.11 8.78 -14.85
N GLU A 2 3.43 7.54 -14.47
CA GLU A 2 3.33 6.31 -15.28
C GLU A 2 1.90 5.76 -15.43
N ASP A 3 0.98 6.58 -15.94
CA ASP A 3 -0.44 6.25 -16.17
C ASP A 3 -1.15 5.76 -14.89
N ILE A 4 -0.72 6.26 -13.72
CA ILE A 4 -1.19 5.84 -12.38
C ILE A 4 -2.70 5.96 -12.17
N LEU A 5 -3.39 6.79 -12.96
CA LEU A 5 -4.85 6.94 -12.99
C LEU A 5 -5.58 5.66 -13.45
N SER A 6 -4.90 4.81 -14.23
CA SER A 6 -5.36 3.45 -14.59
C SER A 6 -5.35 2.48 -13.39
N GLY A 7 -4.68 2.87 -12.30
CA GLY A 7 -4.53 2.08 -11.08
C GLY A 7 -3.15 1.42 -10.88
N ASN A 8 -2.13 1.82 -11.63
CA ASN A 8 -0.78 1.23 -11.50
C ASN A 8 -0.18 1.48 -10.10
N LEU A 9 -0.30 2.69 -9.57
CA LEU A 9 0.15 3.03 -8.22
C LEU A 9 -0.59 2.21 -7.14
N LEU A 10 -1.88 1.90 -7.34
CA LEU A 10 -2.62 1.00 -6.45
C LEU A 10 -2.02 -0.41 -6.46
N GLN A 11 -1.67 -0.95 -7.63
CA GLN A 11 -0.99 -2.24 -7.77
C GLN A 11 0.38 -2.29 -7.08
N ARG A 12 1.11 -1.16 -7.01
CA ARG A 12 2.30 -1.05 -6.15
C ARG A 12 1.90 -1.07 -4.67
N MET A 13 0.93 -0.23 -4.28
CA MET A 13 0.49 -0.04 -2.89
C MET A 13 -0.08 -1.28 -2.20
N LEU A 14 -0.55 -2.28 -2.95
CA LEU A 14 -1.06 -3.54 -2.38
C LEU A 14 -0.06 -4.24 -1.44
N ARG A 15 1.24 -4.02 -1.65
CA ARG A 15 2.31 -4.48 -0.75
C ARG A 15 2.48 -3.59 0.49
N PRO A 16 2.96 -2.34 0.35
CA PRO A 16 3.38 -1.51 1.47
C PRO A 16 2.22 -1.08 2.37
N LEU A 17 1.00 -0.92 1.83
CA LEU A 17 -0.13 -0.50 2.67
C LEU A 17 -0.54 -1.63 3.62
N ARG A 18 -0.55 -2.88 3.14
CA ARG A 18 -0.76 -4.11 3.92
C ARG A 18 0.34 -4.31 4.96
N SER A 19 1.54 -3.86 4.64
CA SER A 19 2.74 -4.02 5.46
C SER A 19 2.92 -2.90 6.49
N GLY A 20 2.02 -1.91 6.55
CA GLY A 20 1.98 -0.92 7.63
C GLY A 20 0.94 -1.27 8.68
N LEU A 21 -0.31 -1.54 8.27
CA LEU A 21 -1.41 -1.82 9.20
C LEU A 21 -1.13 -3.01 10.12
N THR A 22 -0.46 -4.04 9.61
CA THR A 22 -0.08 -5.24 10.34
C THR A 22 1.03 -4.97 11.33
N GLN A 23 1.93 -4.04 11.01
CA GLN A 23 3.07 -3.70 11.84
C GLN A 23 2.66 -2.87 13.06
N LEU A 24 1.65 -2.01 12.90
CA LEU A 24 1.00 -1.30 14.00
C LEU A 24 0.18 -2.27 14.87
N LEU A 25 -0.73 -3.06 14.28
CA LEU A 25 -1.58 -4.03 14.98
C LEU A 25 -0.80 -5.17 15.68
N ASP A 26 0.50 -5.32 15.39
CA ASP A 26 1.42 -6.22 16.10
C ASP A 26 1.66 -5.81 17.57
N PHE A 27 1.47 -4.53 17.93
CA PHE A 27 1.68 -4.00 19.29
C PHE A 27 0.55 -3.08 19.81
N PHE A 28 -0.23 -2.44 18.92
CA PHE A 28 -1.44 -1.66 19.24
C PHE A 28 -2.56 -2.52 19.87
N PHE A 1 1.09 13.11 -9.44
CA PHE A 1 0.95 11.98 -10.38
C PHE A 1 -0.50 11.82 -10.82
N GLU A 2 -0.75 11.38 -12.06
CA GLU A 2 -2.10 11.24 -12.65
C GLU A 2 -2.51 9.79 -12.97
N ASP A 3 -1.57 8.83 -12.89
CA ASP A 3 -1.85 7.39 -12.98
C ASP A 3 -2.67 6.86 -11.79
N ILE A 4 -2.82 7.68 -10.74
CA ILE A 4 -3.49 7.37 -9.47
C ILE A 4 -5.02 7.35 -9.59
N LEU A 5 -5.58 8.11 -10.53
CA LEU A 5 -7.03 8.14 -10.83
C LEU A 5 -7.50 6.80 -11.40
N SER A 6 -6.66 6.23 -12.28
CA SER A 6 -6.84 4.91 -12.89
C SER A 6 -6.50 3.74 -11.95
N GLY A 7 -5.94 4.03 -10.76
CA GLY A 7 -5.70 3.05 -9.70
C GLY A 7 -4.35 2.31 -9.77
N ASN A 8 -3.39 2.77 -10.58
CA ASN A 8 -2.10 2.10 -10.73
C ASN A 8 -1.29 2.11 -9.43
N LEU A 9 -1.19 3.26 -8.75
CA LEU A 9 -0.43 3.41 -7.51
C LEU A 9 -0.94 2.47 -6.40
N LEU A 10 -2.24 2.19 -6.35
CA LEU A 10 -2.80 1.19 -5.44
C LEU A 10 -2.24 -0.21 -5.70
N GLN A 11 -2.13 -0.62 -6.97
CA GLN A 11 -1.54 -1.90 -7.37
C GLN A 11 -0.05 -2.03 -7.00
N ARG A 12 0.70 -0.91 -6.95
CA ARG A 12 2.06 -0.89 -6.37
C ARG A 12 2.00 -1.03 -4.85
N MET A 13 1.14 -0.27 -4.19
CA MET A 13 0.97 -0.23 -2.73
C MET A 13 0.49 -1.53 -2.08
N LEU A 14 -0.14 -2.44 -2.82
CA LEU A 14 -0.58 -3.75 -2.27
C LEU A 14 0.56 -4.55 -1.63
N ARG A 15 1.81 -4.33 -2.06
CA ARG A 15 3.01 -4.90 -1.45
C ARG A 15 3.42 -4.19 -0.15
N PRO A 16 3.80 -2.90 -0.19
CA PRO A 16 4.39 -2.22 0.96
C PRO A 16 3.36 -1.88 2.04
N LEU A 17 2.12 -1.52 1.66
CA LEU A 17 1.11 -1.11 2.65
C LEU A 17 0.61 -2.31 3.47
N ARG A 18 0.68 -3.55 2.94
CA ARG A 18 0.32 -4.79 3.65
C ARG A 18 1.18 -5.01 4.89
N SER A 19 2.42 -4.54 4.86
CA SER A 19 3.35 -4.58 6.00
C SER A 19 3.03 -3.52 7.05
N GLY A 20 2.45 -2.38 6.65
CA GLY A 20 2.15 -1.29 7.57
C GLY A 20 0.94 -1.57 8.46
N LEU A 21 -0.17 -1.98 7.87
CA LEU A 21 -1.41 -2.27 8.59
C LEU A 21 -1.23 -3.35 9.67
N THR A 22 -0.44 -4.37 9.39
CA THR A 22 -0.18 -5.48 10.32
C THR A 22 0.82 -5.10 11.40
N GLN A 23 1.74 -4.17 11.09
CA GLN A 23 2.70 -3.70 12.06
C GLN A 23 2.05 -2.78 13.09
N LEU A 24 1.08 -1.97 12.64
CA LEU A 24 0.28 -1.12 13.53
C LEU A 24 -0.71 -1.93 14.38
N LEU A 25 -1.47 -2.87 13.81
CA LEU A 25 -2.38 -3.73 14.59
C LEU A 25 -1.64 -4.69 15.56
N ASP A 26 -0.33 -4.88 15.39
CA ASP A 26 0.56 -5.58 16.33
C ASP A 26 1.02 -4.68 17.50
N PHE A 27 1.25 -3.39 17.22
CA PHE A 27 1.69 -2.37 18.17
C PHE A 27 0.55 -1.82 19.05
N PHE A 28 -0.61 -1.58 18.45
CA PHE A 28 -1.86 -1.10 19.06
C PHE A 28 -2.47 -2.13 20.04
N PHE A 1 6.95 7.60 -9.54
CA PHE A 1 6.06 6.65 -10.26
C PHE A 1 5.58 7.21 -11.59
N GLU A 2 5.04 6.35 -12.45
CA GLU A 2 4.37 6.68 -13.70
C GLU A 2 3.11 5.83 -13.93
N ASP A 3 2.28 6.28 -14.87
CA ASP A 3 1.00 5.66 -15.30
C ASP A 3 -0.04 5.52 -14.16
N ILE A 4 0.12 6.29 -13.10
CA ILE A 4 -0.64 6.18 -11.84
C ILE A 4 -2.14 6.45 -12.00
N LEU A 5 -2.53 7.25 -13.00
CA LEU A 5 -3.92 7.61 -13.31
C LEU A 5 -4.77 6.42 -13.76
N SER A 6 -4.14 5.41 -14.39
CA SER A 6 -4.78 4.15 -14.77
C SER A 6 -5.05 3.21 -13.57
N GLY A 7 -4.51 3.55 -12.40
CA GLY A 7 -4.58 2.75 -11.18
C GLY A 7 -3.34 1.90 -10.88
N ASN A 8 -2.23 2.09 -11.61
CA ASN A 8 -0.99 1.34 -11.42
C ASN A 8 -0.39 1.53 -10.01
N LEU A 9 -0.47 2.74 -9.46
CA LEU A 9 0.00 3.04 -8.11
C LEU A 9 -0.69 2.20 -7.03
N LEU A 10 -1.96 1.82 -7.22
CA LEU A 10 -2.64 0.88 -6.32
C LEU A 10 -1.96 -0.50 -6.33
N GLN A 11 -1.59 -1.00 -7.51
CA GLN A 11 -0.86 -2.26 -7.67
C GLN A 11 0.54 -2.24 -7.02
N ARG A 12 1.20 -1.07 -6.95
CA ARG A 12 2.41 -0.89 -6.13
C ARG A 12 2.08 -0.91 -4.64
N MET A 13 1.05 -0.17 -4.22
CA MET A 13 0.62 -0.01 -2.83
C MET A 13 0.11 -1.29 -2.15
N LEU A 14 -0.32 -2.30 -2.90
CA LEU A 14 -0.77 -3.58 -2.33
C LEU A 14 0.26 -4.27 -1.41
N ARG A 15 1.56 -3.97 -1.62
CA ARG A 15 2.65 -4.39 -0.74
C ARG A 15 2.75 -3.53 0.52
N PRO A 16 3.14 -2.23 0.42
CA PRO A 16 3.47 -1.42 1.58
C PRO A 16 2.25 -1.09 2.44
N LEU A 17 1.07 -0.92 1.85
CA LEU A 17 -0.13 -0.56 2.63
C LEU A 17 -0.55 -1.76 3.50
N ARG A 18 -0.48 -2.98 2.95
CA ARG A 18 -0.74 -4.25 3.67
C ARG A 18 0.26 -4.49 4.79
N SER A 19 1.52 -4.11 4.59
CA SER A 19 2.56 -4.25 5.60
C SER A 19 2.34 -3.27 6.75
N GLY A 20 1.83 -2.07 6.46
CA GLY A 20 1.67 -1.02 7.48
C GLY A 20 0.55 -1.32 8.46
N LEU A 21 -0.61 -1.71 7.94
CA LEU A 21 -1.80 -1.99 8.75
C LEU A 21 -1.63 -3.15 9.74
N THR A 22 -0.76 -4.12 9.44
CA THR A 22 -0.47 -5.26 10.32
C THR A 22 0.69 -4.97 11.26
N GLN A 23 1.61 -4.07 10.86
CA GLN A 23 2.84 -3.84 11.62
C GLN A 23 2.57 -3.08 12.93
N LEU A 24 1.74 -2.04 12.87
CA LEU A 24 1.35 -1.27 14.05
C LEU A 24 0.45 -2.09 14.98
N LEU A 25 -0.56 -2.77 14.41
CA LEU A 25 -1.53 -3.61 15.14
C LEU A 25 -0.88 -4.85 15.80
N ASP A 26 0.39 -5.13 15.53
CA ASP A 26 1.17 -6.18 16.19
C ASP A 26 1.62 -5.80 17.62
N PHE A 27 1.73 -4.49 17.94
CA PHE A 27 2.25 -3.98 19.22
C PHE A 27 1.48 -2.80 19.84
N PHE A 28 0.44 -2.28 19.16
CA PHE A 28 -0.36 -1.13 19.58
C PHE A 28 -0.98 -1.24 21.00
N PHE A 1 7.18 7.37 -9.38
CA PHE A 1 6.18 6.47 -10.00
C PHE A 1 5.78 6.95 -11.40
N GLU A 2 5.13 6.09 -12.18
CA GLU A 2 4.60 6.38 -13.53
C GLU A 2 3.18 5.78 -13.71
N ASP A 3 2.40 6.39 -14.61
CA ASP A 3 1.05 5.94 -15.03
C ASP A 3 0.02 5.85 -13.88
N ILE A 4 0.22 6.63 -12.82
CA ILE A 4 -0.55 6.54 -11.56
C ILE A 4 -2.02 6.96 -11.71
N LEU A 5 -2.32 7.72 -12.77
CA LEU A 5 -3.61 8.31 -13.11
C LEU A 5 -4.73 7.26 -13.28
N SER A 6 -4.36 6.11 -13.83
CA SER A 6 -5.27 4.97 -14.09
C SER A 6 -5.54 4.09 -12.86
N GLY A 7 -4.94 4.41 -11.72
CA GLY A 7 -5.02 3.63 -10.47
C GLY A 7 -3.90 2.58 -10.31
N ASN A 8 -2.86 2.63 -11.14
CA ASN A 8 -1.72 1.70 -11.08
C ASN A 8 -0.97 1.79 -9.74
N LEU A 9 -0.83 2.99 -9.18
CA LEU A 9 -0.18 3.20 -7.88
C LEU A 9 -0.84 2.41 -6.75
N LEU A 10 -2.15 2.18 -6.81
CA LEU A 10 -2.85 1.30 -5.86
C LEU A 10 -2.35 -0.15 -5.97
N GLN A 11 -2.17 -0.65 -7.20
CA GLN A 11 -1.61 -1.98 -7.48
C GLN A 11 -0.15 -2.12 -7.03
N ARG A 12 0.65 -1.04 -7.05
CA ARG A 12 1.99 -1.03 -6.42
C ARG A 12 1.87 -1.10 -4.90
N MET A 13 1.01 -0.26 -4.31
CA MET A 13 0.81 -0.12 -2.86
C MET A 13 0.30 -1.38 -2.14
N LEU A 14 -0.33 -2.33 -2.86
CA LEU A 14 -0.78 -3.60 -2.26
C LEU A 14 0.35 -4.39 -1.58
N ARG A 15 1.60 -4.18 -2.00
CA ARG A 15 2.79 -4.74 -1.34
C ARG A 15 3.16 -3.98 -0.07
N PRO A 16 3.59 -2.70 -0.14
CA PRO A 16 4.17 -2.00 0.99
C PRO A 16 3.14 -1.62 2.06
N LEU A 17 1.88 -1.34 1.69
CA LEU A 17 0.87 -0.91 2.66
C LEU A 17 0.47 -2.07 3.58
N ARG A 18 0.50 -3.33 3.08
CA ARG A 18 0.20 -4.56 3.82
C ARG A 18 1.14 -4.74 5.01
N SER A 19 2.38 -4.27 4.90
CA SER A 19 3.39 -4.35 5.95
C SER A 19 3.27 -3.24 7.00
N GLY A 20 2.47 -2.20 6.76
CA GLY A 20 2.22 -1.15 7.75
C GLY A 20 1.04 -1.50 8.65
N LEU A 21 -0.11 -1.85 8.07
CA LEU A 21 -1.33 -2.13 8.83
C LEU A 21 -1.17 -3.28 9.85
N THR A 22 -0.40 -4.30 9.48
CA THR A 22 -0.12 -5.47 10.32
C THR A 22 0.85 -5.13 11.44
N GLN A 23 1.76 -4.17 11.20
CA GLN A 23 2.74 -3.75 12.19
C GLN A 23 2.07 -2.87 13.26
N LEU A 24 1.09 -2.05 12.85
CA LEU A 24 0.28 -1.27 13.78
C LEU A 24 -0.69 -2.13 14.60
N LEU A 25 -1.42 -3.08 14.00
CA LEU A 25 -2.29 -4.00 14.74
C LEU A 25 -1.51 -4.98 15.66
N ASP A 26 -0.20 -5.11 15.48
CA ASP A 26 0.72 -5.82 16.38
C ASP A 26 1.17 -4.96 17.59
N PHE A 27 1.37 -3.65 17.36
CA PHE A 27 1.80 -2.66 18.34
C PHE A 27 0.65 -2.19 19.27
N PHE A 28 -0.53 -1.96 18.68
CA PHE A 28 -1.78 -1.56 19.35
C PHE A 28 -2.33 -2.66 20.29
N PHE A 1 6.95 10.53 -10.47
CA PHE A 1 5.98 9.41 -10.59
C PHE A 1 5.75 9.04 -12.06
N GLU A 2 5.24 7.83 -12.33
CA GLU A 2 4.94 7.33 -13.69
C GLU A 2 3.66 6.50 -13.74
N ASP A 3 2.75 6.83 -14.67
CA ASP A 3 1.55 6.06 -15.06
C ASP A 3 0.52 5.79 -13.95
N ILE A 4 0.57 6.54 -12.84
CA ILE A 4 -0.30 6.40 -11.67
C ILE A 4 -1.79 6.65 -11.99
N LEU A 5 -2.06 7.45 -13.03
CA LEU A 5 -3.39 7.86 -13.51
C LEU A 5 -4.25 6.65 -13.89
N SER A 6 -3.63 5.65 -14.51
CA SER A 6 -4.23 4.38 -14.94
C SER A 6 -4.50 3.37 -13.80
N GLY A 7 -4.13 3.71 -12.56
CA GLY A 7 -4.30 2.85 -11.37
C GLY A 7 -3.09 1.98 -11.02
N ASN A 8 -1.94 2.17 -11.70
CA ASN A 8 -0.71 1.41 -11.43
C ASN A 8 -0.18 1.61 -10.01
N LEU A 9 -0.34 2.80 -9.43
CA LEU A 9 0.05 3.10 -8.06
C LEU A 9 -0.68 2.23 -7.03
N LEU A 10 -1.92 1.82 -7.31
CA LEU A 10 -2.63 0.84 -6.47
C LEU A 10 -1.91 -0.52 -6.46
N GLN A 11 -1.44 -0.97 -7.64
CA GLN A 11 -0.67 -2.21 -7.78
C GLN A 11 0.69 -2.16 -7.05
N ARG A 12 1.32 -0.98 -6.92
CA ARG A 12 2.47 -0.81 -6.01
C ARG A 12 2.03 -0.91 -4.55
N MET A 13 0.97 -0.17 -4.17
CA MET A 13 0.46 -0.04 -2.80
C MET A 13 -0.03 -1.34 -2.17
N LEU A 14 -0.38 -2.36 -2.96
CA LEU A 14 -0.80 -3.68 -2.43
C LEU A 14 0.21 -4.31 -1.46
N ARG A 15 1.50 -3.98 -1.61
CA ARG A 15 2.58 -4.37 -0.68
C ARG A 15 2.61 -3.51 0.59
N PRO A 16 2.96 -2.21 0.50
CA PRO A 16 3.25 -1.39 1.67
C PRO A 16 1.99 -1.11 2.51
N LEU A 17 0.80 -1.00 1.88
CA LEU A 17 -0.41 -0.70 2.64
C LEU A 17 -0.81 -1.89 3.52
N ARG A 18 -0.69 -3.13 2.99
CA ARG A 18 -0.90 -4.39 3.72
C ARG A 18 0.13 -4.59 4.83
N SER A 19 1.37 -4.20 4.59
CA SER A 19 2.43 -4.30 5.60
C SER A 19 2.18 -3.30 6.74
N GLY A 20 1.68 -2.11 6.42
CA GLY A 20 1.53 -1.03 7.41
C GLY A 20 0.45 -1.31 8.43
N LEU A 21 -0.71 -1.75 7.97
CA LEU A 21 -1.86 -2.06 8.83
C LEU A 21 -1.59 -3.17 9.86
N THR A 22 -0.72 -4.14 9.52
CA THR A 22 -0.38 -5.24 10.43
C THR A 22 0.85 -4.92 11.28
N GLN A 23 1.71 -4.00 10.84
CA GLN A 23 2.98 -3.74 11.52
C GLN A 23 2.78 -2.97 12.82
N LEU A 24 1.88 -1.99 12.82
CA LEU A 24 1.51 -1.23 14.01
C LEU A 24 0.64 -2.08 14.96
N LEU A 25 -0.40 -2.72 14.44
CA LEU A 25 -1.35 -3.56 15.20
C LEU A 25 -0.70 -4.80 15.86
N ASP A 26 0.54 -5.14 15.48
CA ASP A 26 1.36 -6.15 16.16
C ASP A 26 1.76 -5.76 17.60
N PHE A 27 1.80 -4.46 17.93
CA PHE A 27 2.19 -3.94 19.25
C PHE A 27 1.26 -2.84 19.83
N PHE A 28 0.55 -2.10 18.97
CA PHE A 28 -0.49 -1.12 19.35
C PHE A 28 -1.73 -1.79 19.99
N PHE A 1 3.04 11.80 -14.44
CA PHE A 1 2.92 10.68 -13.48
C PHE A 1 3.11 9.33 -14.17
N GLU A 2 3.41 8.27 -13.41
CA GLU A 2 3.67 6.91 -13.91
C GLU A 2 2.37 6.12 -14.22
N ASP A 3 1.50 6.70 -15.05
CA ASP A 3 0.19 6.16 -15.46
C ASP A 3 -0.71 5.78 -14.27
N ILE A 4 -0.58 6.51 -13.16
CA ILE A 4 -1.27 6.25 -11.89
C ILE A 4 -2.80 6.38 -11.98
N LEU A 5 -3.28 7.14 -12.98
CA LEU A 5 -4.70 7.33 -13.30
C LEU A 5 -5.39 6.00 -13.66
N SER A 6 -4.65 5.10 -14.31
CA SER A 6 -5.09 3.76 -14.71
C SER A 6 -5.09 2.72 -13.57
N GLY A 7 -4.70 3.14 -12.36
CA GLY A 7 -4.61 2.31 -11.17
C GLY A 7 -3.24 1.68 -10.92
N ASN A 8 -2.18 2.15 -11.60
CA ASN A 8 -0.83 1.61 -11.48
C ASN A 8 -0.28 1.74 -10.05
N LEU A 9 -0.53 2.87 -9.39
CA LEU A 9 -0.02 3.11 -8.05
C LEU A 9 -0.67 2.19 -7.00
N LEU A 10 -1.94 1.79 -7.21
CA LEU A 10 -2.59 0.78 -6.37
C LEU A 10 -1.84 -0.55 -6.42
N GLN A 11 -1.41 -0.98 -7.61
CA GLN A 11 -0.61 -2.20 -7.81
C GLN A 11 0.73 -2.19 -7.08
N ARG A 12 1.35 -1.00 -6.89
CA ARG A 12 2.52 -0.83 -6.01
C ARG A 12 2.12 -0.90 -4.54
N MET A 13 1.06 -0.17 -4.15
CA MET A 13 0.56 -0.07 -2.77
C MET A 13 0.07 -1.38 -2.16
N LEU A 14 -0.27 -2.39 -2.96
CA LEU A 14 -0.68 -3.71 -2.47
C LEU A 14 0.33 -4.36 -1.49
N ARG A 15 1.62 -4.00 -1.61
CA ARG A 15 2.68 -4.40 -0.68
C ARG A 15 2.71 -3.54 0.59
N PRO A 16 3.06 -2.24 0.51
CA PRO A 16 3.32 -1.43 1.69
C PRO A 16 2.06 -1.13 2.50
N LEU A 17 0.90 -1.00 1.87
CA LEU A 17 -0.34 -0.68 2.61
C LEU A 17 -0.77 -1.88 3.47
N ARG A 18 -0.63 -3.11 2.94
CA ARG A 18 -0.87 -4.38 3.65
C ARG A 18 0.13 -4.59 4.79
N SER A 19 1.37 -4.19 4.61
CA SER A 19 2.38 -4.27 5.67
C SER A 19 2.04 -3.29 6.79
N GLY A 20 1.60 -2.08 6.44
CA GLY A 20 1.42 -1.01 7.42
C GLY A 20 0.30 -1.27 8.41
N LEU A 21 -0.84 -1.76 7.91
CA LEU A 21 -2.00 -2.08 8.74
C LEU A 21 -1.77 -3.21 9.76
N THR A 22 -0.86 -4.15 9.46
CA THR A 22 -0.54 -5.26 10.39
C THR A 22 0.66 -4.94 11.27
N GLN A 23 1.55 -4.05 10.81
CA GLN A 23 2.83 -3.83 11.49
C GLN A 23 2.66 -3.09 12.82
N LEU A 24 1.84 -2.03 12.83
CA LEU A 24 1.56 -1.26 14.04
C LEU A 24 0.66 -2.06 15.00
N LEU A 25 -0.39 -2.66 14.47
CA LEU A 25 -1.38 -3.45 15.22
C LEU A 25 -0.79 -4.72 15.90
N ASP A 26 0.46 -5.08 15.58
CA ASP A 26 1.21 -6.14 16.23
C ASP A 26 1.73 -5.76 17.64
N PHE A 27 1.91 -4.46 17.92
CA PHE A 27 2.51 -3.96 19.17
C PHE A 27 1.83 -2.72 19.80
N PHE A 28 0.80 -2.16 19.15
CA PHE A 28 0.08 -0.95 19.58
C PHE A 28 -0.51 -1.00 21.01
#